data_9N1A
#
_entry.id   9N1A
#
_cell.length_a   112.945
_cell.length_b   112.945
_cell.length_c   66.967
_cell.angle_alpha   90.000
_cell.angle_beta   90.000
_cell.angle_gamma   120.000
#
_symmetry.space_group_name_H-M   'P 32 2 1'
#
loop_
_entity.id
_entity.type
_entity.pdbx_description
1 polymer HrmI
2 non-polymer 'FE (III) ION'
3 non-polymer GLYCEROL
4 water water
#
_entity_poly.entity_id   1
_entity_poly.type   'polypeptide(L)'
_entity_poly.pdbx_seq_one_letter_code
;MIPESFKIDRSVVEEFLALDPDAWERLNADYTARRRIGEACRALSRHAFVEEDPSALEELHDVLALIYQQDFSGAPVELL
GCETQPVLRDIAAILEGAVLAAELDSISEEQISAYPRSGKEYVHWLKRVIGEHPAAGHPFYRDFVPTRATEGDFRFYLAQ
ETNLDPKFDDILAFMQIGAAPDEKMEIAGNYWDEMGNGKPAEVHTAMFAHALDALDVNDDYIRRNLLPEAKASGNLASCL
AISRRHYYKSVGFFGVTEYLVPRRFKLVVDRWADIGLPREGIAYHDAHISIDAVHASGWFKNVIAPAVDRDPRVGREIAV
GALIRLNSSQRYLDSLLMHLHHDSAAHTSENLYFQSHHHHHH
;
_entity_poly.pdbx_strand_id   A
#
loop_
_chem_comp.id
_chem_comp.type
_chem_comp.name
_chem_comp.formula
FE non-polymer 'FE (III) ION' 'Fe 3'
GOL non-polymer GLYCEROL 'C3 H8 O3'
#
# COMPACT_ATOMS: atom_id res chain seq x y z
N PHE A 6 -26.40 4.96 16.06
CA PHE A 6 -25.01 5.40 16.22
C PHE A 6 -24.28 5.30 14.88
N LYS A 7 -23.53 6.35 14.53
CA LYS A 7 -22.75 6.42 13.31
C LYS A 7 -21.26 6.46 13.64
N ILE A 8 -20.44 5.91 12.75
CA ILE A 8 -19.00 5.90 12.92
C ILE A 8 -18.34 6.66 11.78
N ASP A 9 -17.37 7.49 12.11
CA ASP A 9 -16.56 8.22 11.14
C ASP A 9 -15.20 8.50 11.77
N ARG A 10 -14.36 9.26 11.06
CA ARG A 10 -13.00 9.51 11.53
C ARG A 10 -12.99 10.20 12.88
N SER A 11 -13.77 11.28 13.03
CA SER A 11 -13.79 12.04 14.28
C SER A 11 -14.22 11.17 15.46
N VAL A 12 -15.16 10.24 15.23
CA VAL A 12 -15.55 9.32 16.29
C VAL A 12 -14.34 8.51 16.75
N VAL A 13 -13.54 8.01 15.80
CA VAL A 13 -12.40 7.18 16.19
C VAL A 13 -11.31 8.04 16.81
N GLU A 14 -11.19 9.30 16.37
CA GLU A 14 -10.28 10.23 17.02
C GLU A 14 -10.65 10.42 18.49
N GLU A 15 -11.95 10.40 18.79
CA GLU A 15 -12.38 10.56 20.17
C GLU A 15 -12.02 9.34 21.00
N PHE A 16 -12.19 8.14 20.45
CA PHE A 16 -11.72 6.93 21.10
C PHE A 16 -10.25 7.07 21.46
N LEU A 17 -9.45 7.51 20.50
CA LEU A 17 -8.01 7.58 20.70
C LEU A 17 -7.60 8.64 21.72
N ALA A 18 -8.54 9.50 22.15
CA ALA A 18 -8.30 10.46 23.21
C ALA A 18 -8.66 9.93 24.59
N LEU A 19 -9.36 8.80 24.66
CA LEU A 19 -9.72 8.21 25.94
C LEU A 19 -8.48 7.85 26.76
N ASP A 20 -8.64 7.89 28.08
CA ASP A 20 -7.59 7.48 28.99
C ASP A 20 -7.64 5.97 29.19
N PRO A 21 -6.62 5.37 29.84
CA PRO A 21 -6.58 3.90 29.93
C PRO A 21 -7.78 3.29 30.61
N ASP A 22 -8.32 3.93 31.65
CA ASP A 22 -9.48 3.37 32.35
CA ASP A 22 -9.47 3.36 32.34
C ASP A 22 -10.73 3.46 31.50
N ALA A 23 -10.91 4.57 30.79
CA ALA A 23 -12.01 4.69 29.85
C ALA A 23 -11.93 3.61 28.76
N TRP A 24 -10.72 3.29 28.28
CA TRP A 24 -10.57 2.18 27.35
C TRP A 24 -10.96 0.85 28.00
N GLU A 25 -10.52 0.61 29.24
CA GLU A 25 -10.90 -0.63 29.92
C GLU A 25 -12.41 -0.74 30.07
N ARG A 26 -13.07 0.40 30.30
CA ARG A 26 -14.53 0.39 30.43
C ARG A 26 -15.20 0.08 29.10
N LEU A 27 -14.75 0.73 28.03
CA LEU A 27 -15.30 0.42 26.70
C LEU A 27 -15.12 -1.05 26.36
N ASN A 28 -13.91 -1.58 26.62
CA ASN A 28 -13.60 -2.98 26.26
C ASN A 28 -14.47 -3.97 27.02
N ALA A 29 -14.91 -3.61 28.23
CA ALA A 29 -15.75 -4.51 29.01
C ALA A 29 -17.22 -4.49 28.60
N ASP A 30 -17.63 -3.54 27.77
CA ASP A 30 -19.04 -3.31 27.40
C ASP A 30 -19.28 -3.85 25.99
N TYR A 31 -19.72 -5.10 25.91
CA TYR A 31 -20.00 -5.70 24.61
C TYR A 31 -21.27 -5.14 23.95
N THR A 32 -22.05 -4.34 24.68
CA THR A 32 -23.17 -3.64 24.07
C THR A 32 -22.70 -2.41 23.30
N ALA A 33 -21.83 -1.58 23.90
CA ALA A 33 -21.24 -0.49 23.14
C ALA A 33 -20.39 -1.02 21.99
N ARG A 34 -19.80 -2.21 22.17
CA ARG A 34 -18.93 -2.77 21.14
C ARG A 34 -19.75 -3.36 19.99
N ARG A 35 -20.91 -3.96 20.29
CA ARG A 35 -21.81 -4.38 19.22
C ARG A 35 -22.31 -3.19 18.42
N ARG A 36 -22.61 -2.07 19.10
CA ARG A 36 -23.06 -0.88 18.40
C ARG A 36 -21.98 -0.33 17.47
N ILE A 37 -20.74 -0.23 17.98
CA ILE A 37 -19.63 0.21 17.14
C ILE A 37 -19.56 -0.66 15.89
N GLY A 38 -19.67 -1.98 16.06
CA GLY A 38 -19.55 -2.88 14.92
C GLY A 38 -20.68 -2.75 13.93
N GLU A 39 -21.93 -2.62 14.42
CA GLU A 39 -23.04 -2.40 13.50
C GLU A 39 -22.88 -1.07 12.78
N ALA A 40 -22.36 -0.06 13.47
CA ALA A 40 -22.06 1.21 12.80
C ALA A 40 -21.05 1.01 11.69
N CYS A 41 -20.13 0.05 11.84
CA CYS A 41 -19.13 -0.24 10.80
C CYS A 41 -19.77 -0.94 9.61
N ARG A 42 -20.66 -1.89 9.86
CA ARG A 42 -21.35 -2.55 8.76
C ARG A 42 -22.20 -1.56 7.97
N ALA A 43 -22.83 -0.60 8.65
CA ALA A 43 -23.62 0.41 7.95
C ALA A 43 -22.75 1.30 7.09
N LEU A 44 -21.63 1.79 7.65
CA LEU A 44 -20.71 2.58 6.84
C LEU A 44 -20.24 1.78 5.62
N SER A 45 -19.96 0.48 5.82
CA SER A 45 -19.51 -0.36 4.72
C SER A 45 -20.56 -0.49 3.62
N ARG A 46 -21.82 -0.67 3.99
CA ARG A 46 -22.87 -0.76 2.98
C ARG A 46 -22.93 0.52 2.16
N HIS A 47 -22.88 1.67 2.82
CA HIS A 47 -22.91 2.94 2.10
C HIS A 47 -21.75 3.05 1.13
N ALA A 48 -20.57 2.57 1.54
CA ALA A 48 -19.37 2.78 0.76
C ALA A 48 -19.34 1.87 -0.47
N PHE A 49 -19.83 0.65 -0.34
CA PHE A 49 -19.59 -0.36 -1.36
C PHE A 49 -20.86 -0.91 -2.00
N VAL A 50 -21.99 -0.91 -1.29
CA VAL A 50 -23.26 -1.28 -1.93
C VAL A 50 -23.88 -0.08 -2.63
N GLU A 51 -24.07 1.01 -1.90
CA GLU A 51 -24.54 2.25 -2.50
C GLU A 51 -23.43 2.99 -3.24
N GLU A 52 -22.18 2.70 -2.91
CA GLU A 52 -21.01 3.40 -3.46
C GLU A 52 -21.13 4.92 -3.30
N ASP A 53 -21.64 5.34 -2.15
CA ASP A 53 -21.62 6.76 -1.80
C ASP A 53 -20.16 7.25 -1.71
N PRO A 54 -19.76 8.25 -2.51
CA PRO A 54 -18.36 8.67 -2.50
C PRO A 54 -17.86 9.19 -1.17
N SER A 55 -18.69 9.92 -0.42
CA SER A 55 -18.22 10.47 0.84
C SER A 55 -18.11 9.40 1.91
N ALA A 56 -18.99 8.40 1.87
CA ALA A 56 -18.89 7.25 2.78
C ALA A 56 -17.63 6.41 2.50
N LEU A 57 -17.32 6.19 1.22
CA LEU A 57 -16.12 5.43 0.88
C LEU A 57 -14.87 6.17 1.37
N GLU A 58 -14.84 7.49 1.18
CA GLU A 58 -13.70 8.25 1.69
C GLU A 58 -13.66 8.28 3.21
N GLU A 59 -14.83 8.31 3.86
CA GLU A 59 -14.87 8.23 5.33
C GLU A 59 -14.36 6.88 5.82
N LEU A 60 -14.77 5.80 5.15
CA LEU A 60 -14.28 4.47 5.53
C LEU A 60 -12.76 4.41 5.41
N HIS A 61 -12.19 4.98 4.35
CA HIS A 61 -10.74 4.93 4.22
C HIS A 61 -10.03 5.90 5.16
N ASP A 62 -10.67 7.01 5.54
CA ASP A 62 -10.10 7.87 6.58
C ASP A 62 -10.05 7.14 7.93
N VAL A 63 -11.06 6.30 8.21
CA VAL A 63 -11.06 5.55 9.47
C VAL A 63 -9.97 4.50 9.46
N LEU A 64 -9.90 3.68 8.41
CA LEU A 64 -8.84 2.69 8.27
C LEU A 64 -7.46 3.34 8.35
N ALA A 65 -7.27 4.49 7.69
CA ALA A 65 -5.95 5.12 7.69
C ALA A 65 -5.56 5.54 9.10
N LEU A 66 -6.53 6.00 9.90
CA LEU A 66 -6.26 6.36 11.28
C LEU A 66 -5.85 5.14 12.09
N ILE A 67 -6.55 4.02 11.92
CA ILE A 67 -6.21 2.81 12.64
C ILE A 67 -4.82 2.30 12.24
N TYR A 68 -4.54 2.22 10.92
CA TYR A 68 -3.22 1.75 10.50
C TYR A 68 -2.13 2.67 10.99
N GLN A 69 -2.42 3.97 11.08
CA GLN A 69 -1.46 4.88 11.69
C GLN A 69 -1.07 4.43 13.09
N GLN A 70 -2.02 3.86 13.85
CA GLN A 70 -1.68 3.32 15.17
C GLN A 70 -0.80 2.08 15.04
N ASP A 71 -1.11 1.22 14.06
CA ASP A 71 -0.36 -0.03 13.87
C ASP A 71 1.09 0.21 13.44
N PHE A 72 1.35 1.29 12.71
CA PHE A 72 2.64 1.50 12.07
C PHE A 72 3.52 2.54 12.75
N SER A 73 2.95 3.37 13.60
CA SER A 73 3.66 4.53 14.13
C SER A 73 4.10 4.27 15.56
N GLY A 74 5.23 4.87 15.93
CA GLY A 74 5.69 4.79 17.29
C GLY A 74 4.65 5.39 18.21
N ALA A 75 4.26 4.65 19.25
CA ALA A 75 3.18 5.13 20.11
C ALA A 75 3.65 6.33 20.92
N PRO A 76 2.79 7.33 21.13
CA PRO A 76 3.15 8.43 22.02
C PRO A 76 3.00 8.04 23.48
N VAL A 77 3.78 8.72 24.33
CA VAL A 77 3.86 8.40 25.75
C VAL A 77 2.49 8.41 26.40
N GLU A 78 1.63 9.36 26.01
CA GLU A 78 0.33 9.48 26.66
C GLU A 78 -0.59 8.32 26.37
N LEU A 79 -0.23 7.46 25.44
CA LEU A 79 -1.11 6.41 24.95
C LEU A 79 -0.64 5.02 25.35
N LEU A 80 0.49 4.90 26.06
CA LEU A 80 1.11 3.60 26.26
C LEU A 80 0.25 2.68 27.11
N GLY A 81 -0.64 3.23 27.94
CA GLY A 81 -1.49 2.43 28.78
C GLY A 81 -2.84 2.09 28.20
N CYS A 82 -3.12 2.48 26.95
CA CYS A 82 -4.47 2.38 26.40
C CYS A 82 -4.59 1.11 25.56
N GLU A 83 -5.44 0.19 26.02
CA GLU A 83 -5.68 -1.07 25.33
C GLU A 83 -6.66 -0.83 24.18
N THR A 84 -6.12 -0.54 23.00
CA THR A 84 -6.94 -0.20 21.84
C THR A 84 -7.26 -1.39 20.94
N GLN A 85 -6.71 -2.59 21.21
CA GLN A 85 -6.89 -3.69 20.25
C GLN A 85 -8.32 -4.22 20.16
N PRO A 86 -9.03 -4.51 21.26
CA PRO A 86 -10.37 -5.12 21.10
C PRO A 86 -11.32 -4.33 20.19
N VAL A 87 -11.32 -3.00 20.28
CA VAL A 87 -12.21 -2.18 19.46
C VAL A 87 -11.60 -1.90 18.09
N LEU A 88 -10.36 -1.41 18.03
CA LEU A 88 -9.79 -1.03 16.74
C LEU A 88 -9.61 -2.23 15.80
N ARG A 89 -9.33 -3.41 16.34
CA ARG A 89 -9.24 -4.58 15.46
C ARG A 89 -10.61 -5.03 14.95
N ASP A 90 -11.67 -4.81 15.74
CA ASP A 90 -13.00 -5.13 15.24
C ASP A 90 -13.40 -4.16 14.14
N ILE A 91 -13.16 -2.86 14.33
CA ILE A 91 -13.41 -1.88 13.27
C ILE A 91 -12.65 -2.25 12.01
N ALA A 92 -11.34 -2.53 12.16
CA ALA A 92 -10.52 -2.83 10.99
C ALA A 92 -11.00 -4.09 10.29
N ALA A 93 -11.32 -5.16 11.05
CA ALA A 93 -11.75 -6.39 10.39
C ALA A 93 -13.01 -6.19 9.54
N ILE A 94 -13.93 -5.34 10.01
CA ILE A 94 -15.19 -5.14 9.28
C ILE A 94 -14.96 -4.29 8.03
N LEU A 95 -14.33 -3.12 8.20
CA LEU A 95 -14.08 -2.28 7.03
C LEU A 95 -13.11 -2.93 6.06
N GLU A 96 -12.06 -3.61 6.56
CA GLU A 96 -11.14 -4.38 5.71
C GLU A 96 -11.86 -5.45 4.93
N GLY A 97 -12.71 -6.22 5.62
CA GLY A 97 -13.45 -7.27 4.94
C GLY A 97 -14.25 -6.72 3.78
N ALA A 98 -14.79 -5.52 3.93
CA ALA A 98 -15.58 -4.89 2.87
C ALA A 98 -14.68 -4.36 1.74
N VAL A 99 -13.57 -3.70 2.09
CA VAL A 99 -12.62 -3.25 1.07
C VAL A 99 -12.14 -4.42 0.21
N LEU A 100 -11.86 -5.56 0.85
CA LEU A 100 -11.28 -6.68 0.12
C LEU A 100 -12.32 -7.42 -0.71
N ALA A 101 -13.55 -7.58 -0.19
CA ALA A 101 -14.60 -8.16 -1.03
C ALA A 101 -14.83 -7.33 -2.28
N ALA A 102 -14.73 -6.00 -2.17
CA ALA A 102 -14.89 -5.18 -3.37
C ALA A 102 -13.76 -5.40 -4.35
N GLU A 103 -12.52 -5.58 -3.84
CA GLU A 103 -11.41 -5.88 -4.74
C GLU A 103 -11.66 -7.20 -5.45
N LEU A 104 -12.13 -8.20 -4.72
CA LEU A 104 -12.29 -9.54 -5.29
C LEU A 104 -13.46 -9.61 -6.26
N ASP A 105 -14.47 -8.74 -6.10
CA ASP A 105 -15.54 -8.64 -7.08
C ASP A 105 -15.01 -8.33 -8.47
N SER A 106 -13.86 -7.65 -8.58
CA SER A 106 -13.22 -7.36 -9.85
C SER A 106 -12.28 -8.46 -10.33
N ILE A 107 -12.15 -9.57 -9.60
CA ILE A 107 -11.20 -10.61 -9.97
C ILE A 107 -11.98 -11.88 -10.25
N SER A 108 -11.78 -12.44 -11.44
CA SER A 108 -12.47 -13.64 -11.85
C SER A 108 -11.67 -14.90 -11.48
N GLU A 109 -12.38 -16.01 -11.34
CA GLU A 109 -11.73 -17.28 -11.05
C GLU A 109 -10.73 -17.66 -12.15
N GLU A 110 -11.07 -17.35 -13.41
CA GLU A 110 -10.19 -17.71 -14.53
C GLU A 110 -8.85 -16.97 -14.47
N GLN A 111 -8.85 -15.73 -13.98
CA GLN A 111 -7.60 -14.98 -13.87
C GLN A 111 -6.63 -15.61 -12.89
N ILE A 112 -7.11 -16.31 -11.86
CA ILE A 112 -6.24 -16.70 -10.76
C ILE A 112 -6.09 -18.21 -10.67
N SER A 113 -6.62 -18.95 -11.63
CA SER A 113 -6.55 -20.41 -11.62
C SER A 113 -5.75 -20.99 -12.78
N ALA A 114 -5.44 -20.19 -13.80
CA ALA A 114 -4.83 -20.67 -15.04
C ALA A 114 -3.31 -20.81 -14.94
N TYR A 115 -2.76 -20.90 -13.74
CA TYR A 115 -1.32 -20.73 -13.68
C TYR A 115 -0.60 -22.07 -13.67
N PRO A 116 0.63 -22.10 -14.17
CA PRO A 116 1.42 -23.35 -14.07
C PRO A 116 1.86 -23.56 -12.62
N ARG A 117 1.86 -24.81 -12.20
CA ARG A 117 1.96 -25.14 -10.79
C ARG A 117 3.38 -25.45 -10.36
N SER A 118 4.34 -24.70 -10.89
CA SER A 118 5.74 -24.78 -10.51
C SER A 118 6.34 -23.39 -10.59
N GLY A 119 7.36 -23.16 -9.76
CA GLY A 119 7.83 -21.82 -9.46
C GLY A 119 8.36 -21.03 -10.64
N LYS A 120 9.36 -21.57 -11.34
CA LYS A 120 9.93 -20.83 -12.46
C LYS A 120 8.89 -20.55 -13.53
N GLU A 121 8.04 -21.54 -13.82
CA GLU A 121 6.98 -21.34 -14.80
C GLU A 121 5.98 -20.29 -14.31
N TYR A 122 5.65 -20.33 -13.02
CA TYR A 122 4.68 -19.37 -12.47
C TYR A 122 5.15 -17.94 -12.66
N VAL A 123 6.46 -17.69 -12.48
CA VAL A 123 7.01 -16.35 -12.65
C VAL A 123 6.80 -15.83 -14.08
N HIS A 124 7.04 -16.67 -15.11
CA HIS A 124 6.80 -16.22 -16.49
C HIS A 124 5.34 -15.87 -16.69
N TRP A 125 4.46 -16.73 -16.18
CA TRP A 125 3.03 -16.50 -16.26
C TRP A 125 2.65 -15.18 -15.60
N LEU A 126 3.10 -14.97 -14.35
CA LEU A 126 2.72 -13.75 -13.64
C LEU A 126 3.21 -12.51 -14.36
N LYS A 127 4.42 -12.55 -14.93
CA LYS A 127 4.93 -11.38 -15.64
C LYS A 127 4.09 -11.10 -16.87
N ARG A 128 3.64 -12.14 -17.56
CA ARG A 128 2.74 -11.96 -18.68
C ARG A 128 1.42 -11.39 -18.23
N VAL A 129 0.86 -11.92 -17.14
CA VAL A 129 -0.40 -11.42 -16.60
C VAL A 129 -0.26 -9.94 -16.23
N ILE A 130 0.84 -9.58 -15.56
CA ILE A 130 1.09 -8.18 -15.22
C ILE A 130 1.15 -7.32 -16.47
N GLY A 131 1.92 -7.76 -17.48
CA GLY A 131 2.08 -6.98 -18.70
C GLY A 131 0.79 -6.78 -19.49
N GLU A 132 -0.20 -7.64 -19.27
CA GLU A 132 -1.49 -7.49 -19.94
C GLU A 132 -2.39 -6.45 -19.27
N HIS A 133 -2.13 -6.11 -18.02
CA HIS A 133 -2.95 -5.17 -17.29
C HIS A 133 -2.59 -3.73 -17.70
N PRO A 134 -3.58 -2.86 -17.90
CA PRO A 134 -3.27 -1.47 -18.28
C PRO A 134 -2.44 -0.70 -17.25
N ALA A 135 -2.54 -1.04 -15.97
CA ALA A 135 -1.73 -0.29 -15.02
C ALA A 135 -0.24 -0.48 -15.29
N ALA A 136 0.15 -1.57 -15.95
CA ALA A 136 1.57 -1.82 -16.20
C ALA A 136 2.16 -0.86 -17.23
N GLY A 137 1.34 -0.20 -18.03
CA GLY A 137 1.85 0.83 -18.93
C GLY A 137 0.93 2.03 -18.96
N HIS A 138 0.61 2.56 -17.79
CA HIS A 138 -0.46 3.53 -17.68
C HIS A 138 -0.08 4.87 -18.32
N PRO A 139 -1.02 5.54 -19.00
CA PRO A 139 -0.69 6.83 -19.62
C PRO A 139 -0.18 7.92 -18.67
N PHE A 140 -0.49 7.88 -17.37
CA PHE A 140 0.10 8.90 -16.49
C PHE A 140 1.62 8.90 -16.62
N TYR A 141 2.23 7.72 -16.52
CA TYR A 141 3.68 7.66 -16.65
C TYR A 141 4.12 7.71 -18.11
N ARG A 142 3.40 6.98 -18.96
CA ARG A 142 3.84 6.75 -20.34
C ARG A 142 3.65 7.97 -21.23
N ASP A 143 2.61 8.77 -21.00
CA ASP A 143 2.29 9.90 -21.88
CA ASP A 143 2.30 9.90 -21.87
C ASP A 143 2.31 11.24 -21.14
N PHE A 144 1.61 11.34 -20.00
CA PHE A 144 1.50 12.64 -19.35
C PHE A 144 2.85 13.12 -18.83
N VAL A 145 3.54 12.27 -18.06
CA VAL A 145 4.81 12.68 -17.46
C VAL A 145 5.83 13.17 -18.48
N PRO A 146 6.19 12.39 -19.51
CA PRO A 146 7.28 12.85 -20.40
C PRO A 146 6.94 14.11 -21.20
N THR A 147 5.66 14.42 -21.41
CA THR A 147 5.28 15.51 -22.29
C THR A 147 4.68 16.73 -21.61
N ARG A 148 4.10 16.59 -20.42
CA ARG A 148 3.34 17.70 -19.82
C ARG A 148 3.67 18.02 -18.37
N ALA A 149 4.30 17.11 -17.61
CA ALA A 149 4.32 17.28 -16.16
C ALA A 149 5.13 18.51 -15.77
N THR A 150 4.56 19.34 -14.91
CA THR A 150 5.20 20.51 -14.33
C THR A 150 5.54 20.25 -12.88
N GLU A 151 6.24 21.23 -12.28
CA GLU A 151 6.50 21.24 -10.85
C GLU A 151 5.23 20.98 -10.04
N GLY A 152 4.16 21.73 -10.33
CA GLY A 152 2.93 21.55 -9.58
C GLY A 152 2.27 20.20 -9.80
N ASP A 153 2.41 19.63 -11.00
CA ASP A 153 1.95 18.27 -11.21
C ASP A 153 2.73 17.28 -10.35
N PHE A 154 4.06 17.40 -10.35
CA PHE A 154 4.92 16.52 -9.57
C PHE A 154 4.66 16.65 -8.09
N ARG A 155 4.36 17.87 -7.64
CA ARG A 155 4.04 18.09 -6.24
C ARG A 155 2.76 17.37 -5.86
N PHE A 156 1.74 17.49 -6.71
CA PHE A 156 0.47 16.82 -6.44
C PHE A 156 0.67 15.31 -6.48
N TYR A 157 1.43 14.83 -7.46
CA TYR A 157 1.69 13.40 -7.60
C TYR A 157 2.41 12.85 -6.37
N LEU A 158 3.49 13.51 -5.94
CA LEU A 158 4.26 13.05 -4.80
C LEU A 158 3.40 12.99 -3.54
N ALA A 159 2.46 13.92 -3.42
CA ALA A 159 1.55 13.91 -2.27
C ALA A 159 0.77 12.60 -2.22
N GLN A 160 0.37 12.08 -3.39
CA GLN A 160 -0.36 10.82 -3.45
C GLN A 160 0.53 9.65 -3.05
N GLU A 161 1.83 9.74 -3.34
CA GLU A 161 2.75 8.63 -3.13
C GLU A 161 3.24 8.53 -1.69
N THR A 162 2.91 9.48 -0.83
CA THR A 162 3.22 9.31 0.59
C THR A 162 2.41 8.18 1.21
N ASN A 163 1.45 7.62 0.47
CA ASN A 163 0.64 6.50 0.98
CA ASN A 163 0.66 6.52 1.03
C ASN A 163 1.44 5.21 1.10
N LEU A 164 2.53 5.07 0.34
CA LEU A 164 3.15 3.74 0.25
C LEU A 164 4.64 3.79 0.56
N ASP A 165 5.42 4.42 -0.33
CA ASP A 165 6.89 4.42 -0.22
C ASP A 165 7.44 4.77 1.17
N PRO A 166 6.91 5.73 1.92
CA PRO A 166 7.49 6.04 3.23
C PRO A 166 7.33 4.93 4.27
N LYS A 167 6.68 3.80 3.96
CA LYS A 167 6.54 2.74 4.95
C LYS A 167 6.92 1.37 4.40
N PHE A 168 7.65 1.34 3.28
CA PHE A 168 8.09 0.07 2.71
C PHE A 168 8.89 -0.75 3.72
N ASP A 169 9.77 -0.10 4.48
CA ASP A 169 10.59 -0.86 5.43
C ASP A 169 9.73 -1.64 6.41
N ASP A 170 8.67 -1.04 6.92
CA ASP A 170 7.83 -1.73 7.90
C ASP A 170 6.86 -2.71 7.23
N ILE A 171 6.38 -2.37 6.03
CA ILE A 171 5.63 -3.36 5.26
C ILE A 171 6.45 -4.64 5.11
N LEU A 172 7.73 -4.51 4.74
CA LEU A 172 8.58 -5.69 4.58
C LEU A 172 8.78 -6.39 5.91
N ALA A 173 8.99 -5.62 7.00
CA ALA A 173 9.21 -6.23 8.31
C ALA A 173 7.99 -7.02 8.78
N PHE A 174 6.78 -6.46 8.57
CA PHE A 174 5.56 -7.23 8.84
C PHE A 174 5.49 -8.49 7.97
N MET A 175 5.77 -8.34 6.66
CA MET A 175 5.54 -9.48 5.76
C MET A 175 6.42 -10.67 6.13
N GLN A 176 7.68 -10.42 6.52
CA GLN A 176 8.59 -11.56 6.68
C GLN A 176 8.33 -12.36 7.96
N ILE A 177 7.42 -11.90 8.83
CA ILE A 177 7.14 -12.62 10.07
C ILE A 177 6.66 -14.03 9.74
N GLY A 178 7.34 -15.03 10.29
CA GLY A 178 6.95 -16.40 10.05
C GLY A 178 7.24 -16.95 8.66
N ALA A 179 7.89 -16.20 7.78
CA ALA A 179 8.11 -16.66 6.41
C ALA A 179 9.08 -17.82 6.38
N ALA A 180 8.88 -18.71 5.40
CA ALA A 180 9.81 -19.80 5.17
C ALA A 180 11.21 -19.26 4.89
N PRO A 181 12.26 -20.05 5.16
CA PRO A 181 13.63 -19.49 5.20
C PRO A 181 14.11 -18.80 3.92
N ASP A 182 13.96 -19.44 2.75
CA ASP A 182 14.40 -18.80 1.51
CA ASP A 182 14.42 -18.80 1.52
C ASP A 182 13.64 -17.52 1.24
N GLU A 183 12.32 -17.52 1.48
CA GLU A 183 11.55 -16.29 1.29
C GLU A 183 11.95 -15.23 2.31
N LYS A 184 12.17 -15.64 3.56
CA LYS A 184 12.58 -14.71 4.61
C LYS A 184 13.92 -14.06 4.31
N MET A 185 14.91 -14.84 3.86
CA MET A 185 16.22 -14.30 3.50
C MET A 185 16.10 -13.17 2.47
N GLU A 186 15.34 -13.41 1.40
CA GLU A 186 15.19 -12.39 0.37
C GLU A 186 14.47 -11.16 0.90
N ILE A 187 13.40 -11.34 1.66
CA ILE A 187 12.71 -10.18 2.24
C ILE A 187 13.64 -9.44 3.19
N ALA A 188 14.41 -10.18 4.00
CA ALA A 188 15.37 -9.56 4.91
C ALA A 188 16.38 -8.69 4.15
N GLY A 189 16.94 -9.22 3.06
CA GLY A 189 17.91 -8.43 2.30
C GLY A 189 17.30 -7.18 1.69
N ASN A 190 16.06 -7.29 1.22
CA ASN A 190 15.33 -6.13 0.74
C ASN A 190 15.17 -5.10 1.87
N TYR A 191 14.73 -5.54 3.05
CA TYR A 191 14.59 -4.63 4.19
C TYR A 191 15.91 -3.92 4.52
N TRP A 192 17.00 -4.68 4.56
CA TRP A 192 18.31 -4.09 4.86
C TRP A 192 18.71 -3.04 3.83
N ASP A 193 18.38 -3.27 2.55
CA ASP A 193 18.57 -2.21 1.56
C ASP A 193 17.71 -0.99 1.89
N GLU A 194 16.46 -1.19 2.30
CA GLU A 194 15.61 -0.06 2.67
C GLU A 194 16.22 0.75 3.80
N MET A 195 17.01 0.10 4.65
CA MET A 195 17.70 0.78 5.75
C MET A 195 19.10 1.20 5.39
N GLY A 196 19.34 1.50 4.12
CA GLY A 196 20.61 2.02 3.66
C GLY A 196 21.78 1.08 3.84
N ASN A 197 21.50 -0.21 4.05
CA ASN A 197 22.52 -1.18 4.43
C ASN A 197 23.34 -0.67 5.61
N GLY A 198 22.66 -0.03 6.55
CA GLY A 198 23.33 0.45 7.74
C GLY A 198 23.80 1.89 7.68
N LYS A 199 23.66 2.55 6.53
CA LYS A 199 24.12 3.93 6.37
C LYS A 199 22.94 4.88 6.36
N PRO A 200 22.81 5.74 7.37
CA PRO A 200 21.62 6.60 7.49
C PRO A 200 21.34 7.45 6.28
N ALA A 201 22.37 7.89 5.55
CA ALA A 201 22.15 8.74 4.37
C ALA A 201 21.52 7.96 3.22
N GLU A 202 21.63 6.64 3.23
CA GLU A 202 21.05 5.83 2.17
C GLU A 202 19.71 5.19 2.55
N VAL A 203 19.17 5.48 3.75
CA VAL A 203 17.86 4.95 4.11
C VAL A 203 16.81 5.47 3.14
N HIS A 204 15.98 4.55 2.62
CA HIS A 204 15.13 4.93 1.48
C HIS A 204 14.08 5.94 1.88
N THR A 205 13.47 5.78 3.06
CA THR A 205 12.46 6.75 3.46
C THR A 205 13.06 8.13 3.67
N ALA A 206 14.31 8.21 4.15
CA ALA A 206 14.95 9.50 4.28
C ALA A 206 15.16 10.14 2.91
N MET A 207 15.64 9.37 1.93
CA MET A 207 15.79 9.94 0.59
C MET A 207 14.46 10.31 -0.03
N PHE A 208 13.39 9.56 0.29
CA PHE A 208 12.08 9.96 -0.24
C PHE A 208 11.60 11.24 0.40
N ALA A 209 11.93 11.48 1.67
CA ALA A 209 11.56 12.73 2.32
C ALA A 209 12.19 13.94 1.63
N HIS A 210 13.38 13.78 1.04
CA HIS A 210 14.03 14.89 0.36
C HIS A 210 13.32 15.27 -0.93
N ALA A 211 12.79 14.28 -1.66
CA ALA A 211 11.96 14.60 -2.81
C ALA A 211 10.76 15.43 -2.39
N LEU A 212 10.11 15.04 -1.29
CA LEU A 212 8.99 15.83 -0.78
C LEU A 212 9.46 17.23 -0.38
N ASP A 213 10.65 17.33 0.19
CA ASP A 213 11.20 18.64 0.56
C ASP A 213 11.41 19.52 -0.67
N ALA A 214 12.01 18.95 -1.73
CA ALA A 214 12.33 19.72 -2.92
C ALA A 214 11.11 20.39 -3.54
N LEU A 215 9.92 19.84 -3.34
CA LEU A 215 8.72 20.41 -3.93
C LEU A 215 7.73 20.93 -2.89
N ASP A 216 8.14 21.02 -1.61
CA ASP A 216 7.26 21.54 -0.57
C ASP A 216 6.00 20.68 -0.43
N VAL A 217 6.17 19.36 -0.49
CA VAL A 217 5.05 18.45 -0.24
C VAL A 217 4.90 18.33 1.27
N ASN A 218 4.32 19.35 1.89
CA ASN A 218 4.20 19.46 3.33
C ASN A 218 2.87 18.86 3.80
N ASP A 219 2.74 18.77 5.13
CA ASP A 219 1.65 18.00 5.74
C ASP A 219 0.28 18.61 5.42
N ASP A 220 0.19 19.93 5.34
CA ASP A 220 -1.07 20.56 4.95
C ASP A 220 -1.41 20.22 3.50
N TYR A 221 -0.43 20.33 2.60
CA TYR A 221 -0.65 20.03 1.19
C TYR A 221 -1.13 18.60 1.01
N ILE A 222 -0.49 17.64 1.69
CA ILE A 222 -0.89 16.25 1.63
C ILE A 222 -2.32 16.08 2.13
N ARG A 223 -2.59 16.54 3.36
CA ARG A 223 -3.93 16.36 3.93
C ARG A 223 -5.00 17.01 3.05
N ARG A 224 -4.70 18.17 2.46
CA ARG A 224 -5.67 18.82 1.60
C ARG A 224 -5.82 18.12 0.25
N ASN A 225 -4.80 17.40 -0.21
CA ASN A 225 -4.78 16.97 -1.60
C ASN A 225 -4.79 15.48 -1.82
N LEU A 226 -4.66 14.66 -0.77
CA LEU A 226 -4.64 13.22 -0.93
C LEU A 226 -5.98 12.73 -1.51
N LEU A 227 -5.91 11.99 -2.62
CA LEU A 227 -7.11 11.51 -3.30
C LEU A 227 -7.67 10.26 -2.59
N PRO A 228 -8.99 10.03 -2.69
CA PRO A 228 -9.57 8.83 -2.04
C PRO A 228 -8.95 7.52 -2.54
N GLU A 229 -8.58 7.46 -3.81
CA GLU A 229 -7.94 6.27 -4.37
C GLU A 229 -6.51 6.12 -3.85
N ALA A 230 -5.85 7.23 -3.57
CA ALA A 230 -4.53 7.16 -2.94
C ALA A 230 -4.64 6.61 -1.52
N LYS A 231 -5.67 7.03 -0.79
CA LYS A 231 -5.91 6.49 0.54
C LYS A 231 -6.19 4.99 0.49
N ALA A 232 -7.06 4.57 -0.45
CA ALA A 232 -7.36 3.15 -0.58
C ALA A 232 -6.11 2.35 -0.93
N SER A 233 -5.29 2.87 -1.83
N SER A 233 -5.25 2.89 -1.79
CA SER A 233 -4.03 2.21 -2.14
CA SER A 233 -4.03 2.18 -2.14
C SER A 233 -3.19 1.98 -0.87
C SER A 233 -3.12 2.01 -0.92
N GLY A 234 -3.01 3.03 -0.08
CA GLY A 234 -2.18 2.91 1.11
C GLY A 234 -2.78 1.98 2.14
N ASN A 235 -4.12 2.00 2.28
CA ASN A 235 -4.81 1.10 3.19
C ASN A 235 -4.76 -0.35 2.72
N LEU A 236 -4.78 -0.59 1.41
CA LEU A 236 -4.67 -1.96 0.93
C LEU A 236 -3.31 -2.54 1.29
N ALA A 237 -2.24 -1.75 1.12
CA ALA A 237 -0.91 -2.21 1.44
C ALA A 237 -0.78 -2.51 2.93
N SER A 238 -1.32 -1.64 3.78
CA SER A 238 -1.31 -1.88 5.22
C SER A 238 -2.06 -3.16 5.57
N CYS A 239 -3.29 -3.28 5.07
CA CYS A 239 -4.16 -4.41 5.36
C CYS A 239 -3.47 -5.74 5.06
N LEU A 240 -2.85 -5.84 3.89
CA LEU A 240 -2.25 -7.11 3.47
C LEU A 240 -0.97 -7.41 4.25
N ALA A 241 -0.20 -6.38 4.61
CA ALA A 241 1.06 -6.65 5.29
C ALA A 241 0.86 -7.09 6.74
N ILE A 242 -0.15 -6.57 7.45
CA ILE A 242 -0.21 -6.78 8.89
C ILE A 242 -0.91 -8.05 9.36
N SER A 243 -1.59 -8.79 8.48
CA SER A 243 -2.15 -10.08 8.86
C SER A 243 -1.31 -11.19 8.27
N ARG A 244 -0.96 -12.20 9.10
CA ARG A 244 -0.24 -13.36 8.57
C ARG A 244 -1.00 -14.04 7.43
N ARG A 245 -2.33 -14.06 7.50
CA ARG A 245 -3.10 -14.80 6.50
C ARG A 245 -3.11 -14.10 5.15
N HIS A 246 -2.77 -12.82 5.09
CA HIS A 246 -2.67 -12.07 3.85
C HIS A 246 -1.26 -12.11 3.24
N TYR A 247 -0.35 -12.91 3.81
CA TYR A 247 1.03 -12.93 3.36
C TYR A 247 1.18 -13.18 1.86
N TYR A 248 0.48 -14.19 1.33
CA TYR A 248 0.69 -14.53 -0.09
C TYR A 248 0.09 -13.47 -1.01
N LYS A 249 -1.06 -12.91 -0.63
CA LYS A 249 -1.55 -11.75 -1.36
C LYS A 249 -0.53 -10.61 -1.32
N SER A 250 0.08 -10.40 -0.15
CA SER A 250 1.08 -9.37 0.02
C SER A 250 2.28 -9.61 -0.90
N VAL A 251 2.68 -10.88 -1.02
CA VAL A 251 3.79 -11.24 -1.89
C VAL A 251 3.48 -10.83 -3.34
N GLY A 252 2.24 -11.07 -3.79
CA GLY A 252 1.87 -10.65 -5.13
C GLY A 252 1.77 -9.14 -5.25
N PHE A 253 1.22 -8.48 -4.23
CA PHE A 253 1.01 -7.04 -4.25
C PHE A 253 2.33 -6.28 -4.29
N PHE A 254 3.24 -6.61 -3.37
CA PHE A 254 4.51 -5.89 -3.39
CA PHE A 254 4.55 -5.95 -3.33
C PHE A 254 5.45 -6.43 -4.46
N GLY A 255 5.23 -7.65 -4.96
CA GLY A 255 5.98 -8.10 -6.12
C GLY A 255 5.69 -7.25 -7.36
N VAL A 256 4.41 -6.99 -7.62
CA VAL A 256 4.05 -6.11 -8.73
C VAL A 256 4.66 -4.73 -8.51
N THR A 257 4.66 -4.27 -7.26
CA THR A 257 5.17 -2.93 -6.93
C THR A 257 6.63 -2.76 -7.36
N GLU A 258 7.51 -3.67 -6.94
CA GLU A 258 8.93 -3.57 -7.32
C GLU A 258 9.11 -3.67 -8.82
N TYR A 259 8.37 -4.60 -9.43
CA TYR A 259 8.52 -4.88 -10.86
C TYR A 259 8.26 -3.64 -11.72
N LEU A 260 7.28 -2.82 -11.34
CA LEU A 260 6.90 -1.69 -12.18
C LEU A 260 7.72 -0.44 -11.90
N VAL A 261 8.45 -0.38 -10.78
CA VAL A 261 9.14 0.86 -10.41
C VAL A 261 10.14 1.33 -11.48
N PRO A 262 11.03 0.48 -12.01
CA PRO A 262 12.09 1.03 -12.88
C PRO A 262 11.57 1.74 -14.13
N ARG A 263 10.58 1.18 -14.81
CA ARG A 263 10.04 1.87 -15.98
C ARG A 263 9.34 3.15 -15.57
N ARG A 264 8.57 3.12 -14.47
CA ARG A 264 7.87 4.32 -14.05
C ARG A 264 8.84 5.39 -13.60
N PHE A 265 9.83 5.03 -12.78
CA PHE A 265 10.72 6.05 -12.23
C PHE A 265 11.64 6.64 -13.30
N LYS A 266 11.99 5.86 -14.33
CA LYS A 266 12.84 6.41 -15.37
C LYS A 266 12.11 7.51 -16.12
N LEU A 267 10.82 7.34 -16.35
CA LEU A 267 10.03 8.41 -16.96
C LEU A 267 9.96 9.62 -16.03
N VAL A 268 9.82 9.37 -14.73
CA VAL A 268 9.73 10.50 -13.79
C VAL A 268 11.04 11.28 -13.77
N VAL A 269 12.18 10.59 -13.61
CA VAL A 269 13.44 11.31 -13.44
C VAL A 269 13.83 12.05 -14.73
N ASP A 270 13.57 11.45 -15.89
CA ASP A 270 13.95 12.11 -17.13
C ASP A 270 13.19 13.41 -17.31
N ARG A 271 11.91 13.43 -16.95
CA ARG A 271 11.13 14.67 -17.05
C ARG A 271 11.56 15.67 -15.99
N TRP A 272 11.78 15.18 -14.77
CA TRP A 272 12.28 16.03 -13.68
C TRP A 272 13.53 16.81 -14.10
N ALA A 273 14.44 16.17 -14.82
CA ALA A 273 15.62 16.85 -15.34
C ALA A 273 15.26 17.80 -16.48
N ASP A 274 14.37 17.37 -17.39
CA ASP A 274 14.00 18.18 -18.56
C ASP A 274 13.38 19.52 -18.16
N ILE A 275 12.70 19.56 -17.02
CA ILE A 275 12.08 20.79 -16.57
C ILE A 275 12.94 21.47 -15.50
N GLY A 276 14.20 21.05 -15.38
CA GLY A 276 15.19 21.78 -14.62
C GLY A 276 15.08 21.69 -13.12
N LEU A 277 14.34 20.72 -12.60
CA LEU A 277 14.20 20.62 -11.16
C LEU A 277 15.52 20.12 -10.55
N PRO A 278 15.75 20.38 -9.27
CA PRO A 278 17.07 20.06 -8.69
C PRO A 278 17.26 18.56 -8.55
N ARG A 279 18.36 18.06 -9.12
CA ARG A 279 18.48 16.62 -9.30
C ARG A 279 18.69 15.86 -7.99
N GLU A 280 19.29 16.48 -6.98
CA GLU A 280 19.37 15.81 -5.68
C GLU A 280 18.00 15.63 -5.05
N GLY A 281 17.00 16.37 -5.54
CA GLY A 281 15.63 16.08 -5.14
C GLY A 281 15.17 14.69 -5.53
N ILE A 282 15.61 14.19 -6.69
CA ILE A 282 15.19 12.86 -7.11
C ILE A 282 16.27 11.82 -6.95
N ALA A 283 17.13 11.98 -5.95
CA ALA A 283 18.06 10.89 -5.63
C ALA A 283 17.31 9.59 -5.36
N TYR A 284 16.17 9.67 -4.67
CA TYR A 284 15.39 8.48 -4.36
C TYR A 284 14.98 7.75 -5.64
N HIS A 285 14.29 8.46 -6.55
CA HIS A 285 13.79 7.81 -7.75
C HIS A 285 14.93 7.36 -8.65
N ASP A 286 15.99 8.18 -8.74
CA ASP A 286 17.14 7.81 -9.55
C ASP A 286 17.75 6.51 -9.06
N ALA A 287 17.96 6.41 -7.74
CA ALA A 287 18.55 5.20 -7.16
C ALA A 287 17.66 3.98 -7.39
N HIS A 288 16.34 4.13 -7.16
CA HIS A 288 15.43 3.00 -7.26
C HIS A 288 15.32 2.43 -8.67
N ILE A 289 15.73 3.17 -9.71
CA ILE A 289 15.68 2.61 -11.06
C ILE A 289 16.50 1.33 -11.13
N SER A 290 17.71 1.34 -10.55
CA SER A 290 18.53 0.13 -10.53
C SER A 290 18.25 -0.76 -9.33
N ILE A 291 17.93 -0.18 -8.16
CA ILE A 291 17.69 -0.99 -6.97
C ILE A 291 16.49 -1.90 -7.19
N ASP A 292 15.40 -1.36 -7.69
CA ASP A 292 14.20 -2.17 -7.78
C ASP A 292 14.21 -3.12 -8.98
N ALA A 293 15.10 -2.90 -9.95
CA ALA A 293 15.37 -3.98 -10.91
C ALA A 293 15.94 -5.21 -10.21
N VAL A 294 16.84 -4.98 -9.24
CA VAL A 294 17.40 -6.09 -8.47
C VAL A 294 16.38 -6.61 -7.46
N HIS A 295 15.63 -5.72 -6.81
CA HIS A 295 14.59 -6.17 -5.88
C HIS A 295 13.54 -7.01 -6.61
N ALA A 296 13.09 -6.56 -7.78
CA ALA A 296 12.05 -7.31 -8.50
C ALA A 296 12.55 -8.68 -8.91
N SER A 297 13.79 -8.75 -9.40
CA SER A 297 14.34 -10.04 -9.82
CA SER A 297 14.35 -10.03 -9.82
C SER A 297 14.43 -11.00 -8.66
N GLY A 298 14.99 -10.54 -7.53
CA GLY A 298 15.07 -11.39 -6.35
C GLY A 298 13.71 -11.78 -5.80
N TRP A 299 12.73 -10.88 -5.90
CA TRP A 299 11.39 -11.18 -5.39
C TRP A 299 10.72 -12.31 -6.17
N PHE A 300 10.80 -12.26 -7.51
CA PHE A 300 10.30 -13.35 -8.33
C PHE A 300 11.07 -14.64 -8.06
N LYS A 301 12.39 -14.57 -8.11
CA LYS A 301 13.20 -15.79 -8.05
C LYS A 301 13.28 -16.37 -6.64
N ASN A 302 13.26 -15.53 -5.60
CA ASN A 302 13.54 -15.99 -4.24
C ASN A 302 12.35 -15.92 -3.29
N VAL A 303 11.27 -15.23 -3.65
CA VAL A 303 10.03 -15.26 -2.86
C VAL A 303 8.93 -16.02 -3.61
N ILE A 304 8.60 -15.60 -4.83
CA ILE A 304 7.43 -16.14 -5.49
C ILE A 304 7.68 -17.58 -5.95
N ALA A 305 8.81 -17.83 -6.64
CA ALA A 305 9.06 -19.19 -7.15
C ALA A 305 9.17 -20.23 -6.04
N PRO A 306 9.94 -20.01 -4.96
CA PRO A 306 9.94 -20.98 -3.84
C PRO A 306 8.58 -21.18 -3.17
N ALA A 307 7.81 -20.12 -2.97
CA ALA A 307 6.47 -20.30 -2.41
C ALA A 307 5.61 -21.22 -3.27
N VAL A 308 5.59 -20.98 -4.59
CA VAL A 308 4.78 -21.84 -5.46
C VAL A 308 5.33 -23.26 -5.47
N ASP A 309 6.66 -23.43 -5.48
CA ASP A 309 7.23 -24.77 -5.47
C ASP A 309 6.95 -25.50 -4.14
N ARG A 310 6.88 -24.77 -3.03
N ARG A 310 6.95 -24.79 -3.02
CA ARG A 310 6.61 -25.41 -1.74
CA ARG A 310 6.60 -25.42 -1.76
C ARG A 310 5.14 -25.82 -1.61
C ARG A 310 5.15 -25.90 -1.79
N ASP A 311 4.21 -25.01 -2.15
CA ASP A 311 2.79 -25.35 -2.17
C ASP A 311 2.09 -24.61 -3.31
N PRO A 312 1.89 -25.25 -4.46
CA PRO A 312 1.36 -24.51 -5.63
C PRO A 312 -0.01 -23.87 -5.39
N ARG A 313 -0.75 -24.30 -4.36
CA ARG A 313 -2.01 -23.66 -4.04
C ARG A 313 -1.85 -22.17 -3.73
N VAL A 314 -0.68 -21.74 -3.26
CA VAL A 314 -0.51 -20.32 -2.97
C VAL A 314 -0.36 -19.48 -4.23
N GLY A 315 -0.18 -20.11 -5.40
CA GLY A 315 -0.13 -19.34 -6.64
C GLY A 315 -1.40 -18.55 -6.88
N ARG A 316 -2.53 -19.07 -6.40
CA ARG A 316 -3.80 -18.36 -6.53
C ARG A 316 -3.84 -17.12 -5.64
N GLU A 317 -3.35 -17.23 -4.40
CA GLU A 317 -3.29 -16.07 -3.51
C GLU A 317 -2.36 -14.98 -4.05
N ILE A 318 -1.18 -15.38 -4.55
CA ILE A 318 -0.23 -14.40 -5.07
C ILE A 318 -0.82 -13.67 -6.28
N ALA A 319 -1.51 -14.42 -7.16
CA ALA A 319 -2.20 -13.79 -8.29
C ALA A 319 -3.26 -12.80 -7.82
N VAL A 320 -4.04 -13.15 -6.81
CA VAL A 320 -5.02 -12.20 -6.28
C VAL A 320 -4.33 -10.94 -5.80
N GLY A 321 -3.28 -11.10 -4.99
CA GLY A 321 -2.58 -9.92 -4.48
C GLY A 321 -2.02 -9.07 -5.59
N ALA A 322 -1.46 -9.71 -6.62
CA ALA A 322 -0.97 -8.97 -7.79
C ALA A 322 -2.08 -8.18 -8.46
N LEU A 323 -3.24 -8.81 -8.70
CA LEU A 323 -4.34 -8.12 -9.36
C LEU A 323 -4.92 -7.02 -8.48
N ILE A 324 -4.94 -7.21 -7.15
CA ILE A 324 -5.36 -6.14 -6.25
C ILE A 324 -4.46 -4.91 -6.39
N ARG A 325 -3.14 -5.13 -6.51
CA ARG A 325 -2.24 -3.99 -6.73
C ARG A 325 -2.48 -3.35 -8.10
N LEU A 326 -2.65 -4.18 -9.14
CA LEU A 326 -2.83 -3.61 -10.48
C LEU A 326 -4.14 -2.84 -10.58
N ASN A 327 -5.24 -3.41 -10.08
CA ASN A 327 -6.54 -2.75 -10.14
C ASN A 327 -6.54 -1.46 -9.34
N SER A 328 -6.05 -1.52 -8.09
CA SER A 328 -6.07 -0.31 -7.25
C SER A 328 -5.13 0.76 -7.80
N SER A 329 -3.99 0.36 -8.36
CA SER A 329 -3.10 1.32 -9.02
C SER A 329 -3.78 1.96 -10.23
N GLN A 330 -4.49 1.17 -11.04
CA GLN A 330 -5.24 1.70 -12.17
C GLN A 330 -6.24 2.77 -11.73
N ARG A 331 -7.06 2.47 -10.72
CA ARG A 331 -8.05 3.43 -10.25
C ARG A 331 -7.38 4.68 -9.72
N TYR A 332 -6.28 4.50 -8.98
CA TYR A 332 -5.57 5.66 -8.44
C TYR A 332 -4.94 6.49 -9.57
N LEU A 333 -4.28 5.86 -10.53
CA LEU A 333 -3.67 6.62 -11.63
C LEU A 333 -4.71 7.29 -12.52
N ASP A 334 -5.84 6.64 -12.80
CA ASP A 334 -6.88 7.29 -13.61
C ASP A 334 -7.45 8.50 -12.88
N SER A 335 -7.68 8.37 -11.58
CA SER A 335 -8.15 9.49 -10.78
C SER A 335 -7.12 10.63 -10.76
N LEU A 336 -5.84 10.28 -10.65
CA LEU A 336 -4.77 11.28 -10.63
C LEU A 336 -4.70 12.03 -11.95
N LEU A 337 -4.64 11.28 -13.06
CA LEU A 337 -4.58 11.90 -14.37
C LEU A 337 -5.81 12.75 -14.61
N MET A 338 -6.98 12.30 -14.14
CA MET A 338 -8.21 13.07 -14.23
C MET A 338 -8.06 14.42 -13.54
N HIS A 339 -7.63 14.41 -12.26
CA HIS A 339 -7.43 15.67 -11.54
C HIS A 339 -6.34 16.54 -12.15
N LEU A 340 -5.35 15.94 -12.79
CA LEU A 340 -4.25 16.77 -13.31
C LEU A 340 -4.61 17.45 -14.63
N HIS A 341 -5.59 16.93 -15.38
CA HIS A 341 -6.00 17.56 -16.62
CA HIS A 341 -6.00 17.56 -16.62
C HIS A 341 -6.75 18.87 -16.34
FE FE B . 13.19 1.21 -1.64
FE FE C . 12.64 -1.96 -3.44
C1 GOL D . -13.71 -14.73 -7.22
O1 GOL D . -13.91 -13.27 -7.46
C2 GOL D . -12.34 -14.89 -6.67
O2 GOL D . -11.56 -13.80 -6.94
C3 GOL D . -12.46 -14.93 -5.16
O3 GOL D . -11.13 -14.52 -4.76
C1 GOL E . -22.02 4.59 22.29
O1 GOL E . -21.12 3.72 21.55
C2 GOL E . -23.45 4.05 22.01
O2 GOL E . -23.86 3.08 23.03
C3 GOL E . -24.42 5.30 21.94
O3 GOL E . -25.50 4.93 20.99
#